data_7S7T
#
_entry.id   7S7T
#
_cell.length_a   190.366
_cell.length_b   190.366
_cell.length_c   49.742
_cell.angle_alpha   90.000
_cell.angle_beta   90.000
_cell.angle_gamma   120.000
#
_symmetry.space_group_name_H-M   'P 61'
#
loop_
_entity.id
_entity.type
_entity.pdbx_description
1 polymer 'iNicSnFR 3.0 Fluorescent Nicotine Sensor'
2 non-polymer VARENICLINE
3 non-polymer 'IODIDE ION'
#
_entity_poly.entity_id   1
_entity_poly.type   'polypeptide(L)'
_entity_poly.pdbx_seq_one_letter_code
;MHHHHHHGAQPARSANDTVVVGSINFTEGIIVANMVAEMIEAHTDLKVVRKLNLGGENVNFEAIKRGGANNGIDIYVEYT
GHGLVDILGFPEPNVYITADKQKNGIKANFKIRHNMEDGSVQLADHYQQNTPIGDGPVLLPDNHYLSTQSVLSKDPNEKR
DHMVLLEFVTAAGITLGMDELYKGGTGGSMSKGEELFTGVVPILVELDGGVNGHKFSVRGEGEGDATNGKLTLKFICTTG
KLPVPWPTLVTTL(CRO)VQCFSRYPDHMKQHDFFKSAMPEGYVQERTISFKDDGTYKTRAEVKFEGDTLVNRIELKGID
FKEDGNILGHKLEYNFPPPSSTDPEGAYETVKKEYKRKWNIVWLKPLGFNNTYTLTVKDELAKQYNLKTFSDLAKISDKL
ILGATMFFLEGPDGYPGLQKLYNFKFKHTKSMDMGIRYTAIDNNEVQVIDAWATDGLLVSHKLKILEDDKAFFPPYYAAP
IIRQDVLDKHPELKDVLNKLANQISLEEMQKLNYKVDGEGQDPAKVAKEFLKEKGLILQVD
;
_entity_poly.pdbx_strand_id   A
#
loop_
_chem_comp.id
_chem_comp.type
_chem_comp.name
_chem_comp.formula
IOD non-polymer 'IODIDE ION' 'I -1'
QMR non-polymer VARENICLINE 'C13 H13 N3'
#
# COMPACT_ATOMS: atom_id res chain seq x y z
N ASN A 16 -38.39 5.22 4.19
CA ASN A 16 -37.14 5.89 3.87
C ASN A 16 -36.36 6.20 5.15
N ASP A 17 -37.06 6.14 6.28
CA ASP A 17 -36.44 6.44 7.56
C ASP A 17 -35.34 5.45 7.93
N THR A 18 -35.30 4.29 7.28
CA THR A 18 -34.37 3.23 7.62
C THR A 18 -33.02 3.42 6.91
N VAL A 19 -31.98 2.82 7.49
CA VAL A 19 -30.63 2.87 6.95
C VAL A 19 -29.98 1.50 7.16
N VAL A 20 -28.91 1.25 6.40
CA VAL A 20 -28.23 -0.04 6.39
C VAL A 20 -26.84 0.12 6.96
N VAL A 21 -26.46 -0.79 7.85
CA VAL A 21 -25.12 -0.83 8.44
C VAL A 21 -24.55 -2.22 8.17
N GLY A 22 -23.40 -2.28 7.51
CA GLY A 22 -22.80 -3.55 7.13
C GLY A 22 -21.61 -3.92 8.01
N SER A 23 -21.22 -5.19 7.91
CA SER A 23 -20.11 -5.70 8.72
C SER A 23 -19.59 -6.99 8.10
N ILE A 24 -18.29 -7.19 8.24
CA ILE A 24 -17.66 -8.46 7.87
C ILE A 24 -17.90 -9.41 9.03
N ASN A 25 -17.67 -10.71 8.83
CA ASN A 25 -17.89 -11.70 9.87
C ASN A 25 -16.57 -12.00 10.57
N PHE A 26 -16.26 -11.17 11.55
CA PHE A 26 -15.21 -11.45 12.52
C PHE A 26 -15.58 -10.75 13.81
N THR A 27 -14.97 -11.20 14.91
CA THR A 27 -15.41 -10.81 16.25
C THR A 27 -15.47 -9.30 16.41
N GLU A 28 -14.45 -8.59 15.92
CA GLU A 28 -14.35 -7.15 16.15
C GLU A 28 -15.37 -6.38 15.31
N GLY A 29 -15.56 -6.78 14.06
CA GLY A 29 -16.42 -6.03 13.16
C GLY A 29 -17.88 -6.06 13.57
N ILE A 30 -18.37 -7.22 14.02
CA ILE A 30 -19.75 -7.30 14.47
C ILE A 30 -19.97 -6.39 15.68
N ILE A 31 -19.00 -6.35 16.59
CA ILE A 31 -19.10 -5.51 17.78
C ILE A 31 -19.17 -4.03 17.38
N VAL A 32 -18.27 -3.60 16.50
CA VAL A 32 -18.27 -2.18 16.14
C VAL A 32 -19.50 -1.83 15.32
N ALA A 33 -20.03 -2.76 14.53
CA ALA A 33 -21.27 -2.51 13.80
C ALA A 33 -22.44 -2.32 14.74
N ASN A 34 -22.55 -3.19 15.75
CA ASN A 34 -23.62 -3.03 16.74
C ASN A 34 -23.45 -1.74 17.52
N MET A 35 -22.21 -1.33 17.78
CA MET A 35 -21.97 -0.05 18.45
C MET A 35 -22.49 1.11 17.61
N VAL A 36 -22.16 1.10 16.31
CA VAL A 36 -22.64 2.15 15.41
C VAL A 36 -24.16 2.18 15.38
N ALA A 37 -24.79 1.00 15.29
CA ALA A 37 -26.25 0.94 15.24
C ALA A 37 -26.86 1.49 16.52
N GLU A 38 -26.29 1.14 17.68
CA GLU A 38 -26.80 1.66 18.95
C GLU A 38 -26.67 3.17 19.01
N MET A 39 -25.54 3.70 18.54
CA MET A 39 -25.36 5.15 18.50
C MET A 39 -26.44 5.82 17.65
N ILE A 40 -26.68 5.28 16.45
CA ILE A 40 -27.64 5.91 15.55
C ILE A 40 -29.05 5.85 16.13
N GLU A 41 -29.40 4.71 16.75
CA GLU A 41 -30.73 4.57 17.33
C GLU A 41 -30.89 5.35 18.63
N ALA A 42 -29.80 5.71 19.30
CA ALA A 42 -29.88 6.48 20.54
C ALA A 42 -29.94 7.98 20.27
N HIS A 43 -28.94 8.52 19.57
CA HIS A 43 -28.84 9.96 19.39
C HIS A 43 -29.63 10.47 18.19
N THR A 44 -30.24 9.58 17.41
CA THR A 44 -31.19 9.96 16.37
C THR A 44 -32.44 9.10 16.50
N ASP A 45 -33.51 9.56 15.86
CA ASP A 45 -34.76 8.79 15.77
C ASP A 45 -34.81 7.96 14.49
N LEU A 46 -33.65 7.56 13.97
CA LEU A 46 -33.54 6.85 12.71
C LEU A 46 -33.73 5.35 12.91
N LYS A 47 -34.33 4.71 11.90
CA LYS A 47 -34.38 3.26 11.86
C LYS A 47 -33.07 2.71 11.29
N VAL A 48 -32.62 1.59 11.82
CA VAL A 48 -31.31 1.04 11.49
C VAL A 48 -31.44 -0.45 11.19
N VAL A 49 -30.82 -0.88 10.09
CA VAL A 49 -30.71 -2.29 9.74
C VAL A 49 -29.26 -2.72 9.96
N ARG A 50 -29.07 -4.00 10.27
CA ARG A 50 -27.77 -4.57 10.57
C ARG A 50 -27.50 -5.72 9.60
N LYS A 51 -26.87 -5.40 8.46
CA LYS A 51 -26.50 -6.41 7.47
C LYS A 51 -25.13 -6.98 7.81
N LEU A 52 -24.98 -8.29 7.61
CA LEU A 52 -23.75 -9.02 7.95
C LEU A 52 -23.33 -9.85 6.74
N ASN A 53 -22.51 -9.28 5.87
CA ASN A 53 -22.02 -10.01 4.71
C ASN A 53 -20.81 -10.87 5.09
N LEU A 54 -20.69 -12.01 4.41
CA LEU A 54 -19.69 -13.03 4.68
C LEU A 54 -18.75 -13.25 3.51
N GLY A 55 -17.57 -13.79 3.84
CA GLY A 55 -16.63 -14.27 2.83
C GLY A 55 -16.10 -13.15 1.96
N GLY A 56 -16.00 -13.41 0.67
CA GLY A 56 -15.67 -12.40 -0.31
C GLY A 56 -14.24 -11.90 -0.24
N GLU A 57 -13.98 -10.93 -1.12
CA GLU A 57 -12.67 -10.28 -1.23
C GLU A 57 -12.96 -8.79 -1.32
N ASN A 58 -12.77 -8.07 -0.22
CA ASN A 58 -13.05 -6.64 -0.16
C ASN A 58 -14.55 -6.40 -0.41
N VAL A 59 -15.36 -7.02 0.45
CA VAL A 59 -16.79 -7.12 0.21
C VAL A 59 -17.49 -5.81 0.52
N ASN A 60 -17.16 -5.20 1.66
CA ASN A 60 -17.77 -3.94 2.06
C ASN A 60 -17.71 -2.92 0.94
N PHE A 61 -16.51 -2.66 0.42
CA PHE A 61 -16.32 -1.72 -0.69
C PHE A 61 -17.40 -1.84 -1.77
N GLU A 62 -17.65 -3.06 -2.25
CA GLU A 62 -18.71 -3.25 -3.25
C GLU A 62 -20.09 -2.99 -2.66
N ALA A 63 -20.35 -3.49 -1.45
CA ALA A 63 -21.68 -3.32 -0.86
C ALA A 63 -22.03 -1.85 -0.67
N ILE A 64 -21.03 -1.04 -0.33
CA ILE A 64 -21.25 0.38 -0.12
C ILE A 64 -21.18 1.16 -1.43
N LYS A 65 -20.53 0.60 -2.46
CA LYS A 65 -20.69 1.16 -3.80
C LYS A 65 -22.13 1.00 -4.28
N ARG A 66 -22.76 -0.14 -3.97
CA ARG A 66 -24.16 -0.33 -4.35
C ARG A 66 -25.07 0.60 -3.56
N GLY A 67 -25.01 0.53 -2.24
CA GLY A 67 -25.85 1.34 -1.39
C GLY A 67 -27.05 0.58 -0.87
N GLY A 68 -27.73 1.18 0.11
CA GLY A 68 -28.89 0.56 0.73
C GLY A 68 -30.06 0.35 -0.21
N ALA A 69 -30.06 0.99 -1.37
CA ALA A 69 -31.14 0.80 -2.33
C ALA A 69 -30.96 -0.44 -3.19
N ASN A 70 -29.71 -0.81 -3.48
CA ASN A 70 -29.40 -1.97 -4.32
C ASN A 70 -29.01 -3.19 -3.48
N ASN A 71 -29.62 -3.34 -2.31
CA ASN A 71 -29.31 -4.44 -1.38
C ASN A 71 -27.83 -4.44 -1.01
N GLY A 72 -27.29 -3.25 -0.72
CA GLY A 72 -25.92 -3.12 -0.26
C GLY A 72 -25.86 -2.57 1.15
N ILE A 73 -24.83 -1.79 1.45
CA ILE A 73 -24.68 -1.17 2.75
C ILE A 73 -24.40 0.31 2.58
N ASP A 74 -24.56 1.05 3.67
CA ASP A 74 -24.33 2.50 3.67
C ASP A 74 -23.28 2.93 4.70
N ILE A 75 -23.14 2.22 5.80
CA ILE A 75 -22.18 2.56 6.86
C ILE A 75 -21.48 1.29 7.30
N TYR A 76 -20.15 1.32 7.35
CA TYR A 76 -19.39 0.19 7.85
C TYR A 76 -18.04 0.67 8.37
N VAL A 77 -17.46 -0.10 9.28
CA VAL A 77 -16.18 0.24 9.90
C VAL A 77 -15.06 -0.35 9.07
N GLU A 78 -14.05 0.48 8.76
CA GLU A 78 -12.92 0.09 7.93
C GLU A 78 -11.63 0.55 8.59
N TYR A 79 -10.55 -0.18 8.31
CA TYR A 79 -9.22 0.14 8.80
C TYR A 79 -8.41 0.79 7.68
N THR A 80 -7.52 1.71 8.06
CA THR A 80 -6.84 2.54 7.06
C THR A 80 -5.97 1.70 6.13
N GLY A 81 -5.34 0.64 6.66
CA GLY A 81 -4.53 -0.21 5.79
C GLY A 81 -5.36 -0.94 4.75
N HIS A 82 -6.47 -1.53 5.18
CA HIS A 82 -7.37 -2.15 4.21
C HIS A 82 -7.98 -1.10 3.28
N GLY A 83 -8.18 0.12 3.76
CA GLY A 83 -8.61 1.18 2.85
C GLY A 83 -7.60 1.44 1.75
N LEU A 84 -6.32 1.52 2.11
CA LEU A 84 -5.25 1.65 1.13
C LEU A 84 -5.28 0.50 0.14
N VAL A 85 -5.50 -0.72 0.64
CA VAL A 85 -5.59 -1.88 -0.25
C VAL A 85 -6.79 -1.73 -1.20
N ASP A 86 -7.88 -1.14 -0.72
CA ASP A 86 -9.08 -0.98 -1.53
C ASP A 86 -8.84 0.01 -2.68
N ILE A 87 -8.43 1.23 -2.34
CA ILE A 87 -8.40 2.30 -3.35
C ILE A 87 -7.06 2.33 -4.09
N LEU A 88 -5.96 2.05 -3.40
CA LEU A 88 -4.64 2.14 -4.00
C LEU A 88 -3.98 0.79 -4.22
N GLY A 89 -4.52 -0.29 -3.67
CA GLY A 89 -3.88 -1.58 -3.75
C GLY A 89 -2.53 -1.56 -3.06
N PHE A 90 -2.54 -1.25 -1.76
CA PHE A 90 -1.40 -0.76 -0.98
C PHE A 90 -0.05 -1.36 -1.35
N PRO A 91 0.14 -2.69 -1.32
CA PRO A 91 1.51 -3.22 -1.45
C PRO A 91 2.11 -3.03 -2.83
N GLU A 92 1.30 -2.87 -3.87
CA GLU A 92 1.78 -2.90 -5.25
C GLU A 92 2.50 -1.62 -5.71
N PRO A 93 1.97 -0.42 -5.43
CA PRO A 93 2.68 0.80 -5.90
C PRO A 93 4.09 0.94 -5.39
N ASN A 94 4.45 0.30 -4.27
CA ASN A 94 5.82 0.34 -3.80
C ASN A 94 6.72 -0.42 -4.76
N VAL A 95 7.86 0.16 -5.11
CA VAL A 95 8.81 -0.47 -6.02
C VAL A 95 9.70 -1.38 -5.19
N TYR A 96 9.43 -2.68 -5.22
CA TYR A 96 10.16 -3.62 -4.38
C TYR A 96 11.42 -4.09 -5.09
N ILE A 97 12.56 -3.83 -4.46
CA ILE A 97 13.89 -4.08 -5.03
C ILE A 97 14.56 -5.20 -4.26
N THR A 98 15.01 -6.21 -4.99
CA THR A 98 15.84 -7.30 -4.50
C THR A 98 17.11 -7.36 -5.34
N ALA A 99 18.10 -8.09 -4.84
CA ALA A 99 19.40 -8.18 -5.49
C ALA A 99 19.47 -9.41 -6.38
N ASP A 100 20.07 -9.24 -7.56
CA ASP A 100 20.32 -10.32 -8.51
C ASP A 100 21.84 -10.43 -8.64
N LYS A 101 22.44 -11.34 -7.86
CA LYS A 101 23.88 -11.53 -7.88
C LYS A 101 24.37 -12.09 -9.21
N GLN A 102 23.50 -12.77 -9.97
CA GLN A 102 23.91 -13.36 -11.24
C GLN A 102 24.40 -12.28 -12.20
N LYS A 103 23.53 -11.31 -12.51
CA LYS A 103 23.86 -10.23 -13.41
C LYS A 103 24.54 -9.06 -12.70
N ASN A 104 24.97 -9.26 -11.45
CA ASN A 104 25.66 -8.24 -10.66
C ASN A 104 24.80 -6.99 -10.48
N GLY A 105 23.49 -7.17 -10.45
CA GLY A 105 22.61 -6.02 -10.37
C GLY A 105 21.42 -6.21 -9.47
N ILE A 106 20.28 -5.60 -9.84
CA ILE A 106 19.08 -5.68 -9.02
C ILE A 106 17.88 -6.00 -9.90
N LYS A 107 16.84 -6.54 -9.26
CA LYS A 107 15.54 -6.75 -9.88
C LYS A 107 14.49 -6.04 -9.06
N ALA A 108 13.40 -5.64 -9.72
CA ALA A 108 12.37 -4.84 -9.09
C ALA A 108 11.01 -5.20 -9.64
N ASN A 109 10.00 -5.15 -8.78
CA ASN A 109 8.63 -5.45 -9.15
C ASN A 109 7.71 -4.36 -8.60
N PHE A 110 6.70 -4.01 -9.39
CA PHE A 110 5.62 -3.16 -8.87
C PHE A 110 4.47 -3.13 -9.88
N LYS A 111 3.41 -2.41 -9.52
CA LYS A 111 2.26 -2.21 -10.39
C LYS A 111 1.77 -0.78 -10.23
N ILE A 112 1.28 -0.22 -11.33
CA ILE A 112 0.74 1.14 -11.36
C ILE A 112 -0.72 1.05 -11.75
N ARG A 113 -1.56 1.82 -11.05
CA ARG A 113 -3.00 1.86 -11.26
C ARG A 113 -3.34 3.20 -11.89
N HIS A 114 -3.53 3.22 -13.21
CA HIS A 114 -3.85 4.44 -13.93
C HIS A 114 -5.34 4.68 -13.88
N ASN A 115 -5.73 5.85 -13.37
CA ASN A 115 -7.15 6.18 -13.27
C ASN A 115 -7.73 6.43 -14.66
N MET A 116 -9.03 6.18 -14.79
CA MET A 116 -9.75 6.42 -16.04
C MET A 116 -10.93 7.34 -15.79
N GLU A 117 -11.58 7.76 -16.88
CA GLU A 117 -12.71 8.69 -16.77
C GLU A 117 -13.85 8.07 -15.97
N ASP A 118 -14.20 6.83 -16.26
CA ASP A 118 -15.34 6.18 -15.60
C ASP A 118 -14.90 5.42 -14.35
N GLY A 119 -14.13 6.08 -13.48
CA GLY A 119 -13.70 5.49 -12.23
C GLY A 119 -12.93 4.19 -12.34
N SER A 120 -12.70 3.71 -13.55
CA SER A 120 -12.03 2.44 -13.76
C SER A 120 -10.54 2.59 -13.48
N VAL A 121 -9.81 1.47 -13.59
CA VAL A 121 -8.38 1.44 -13.31
C VAL A 121 -7.70 0.55 -14.35
N GLN A 122 -6.73 1.11 -15.06
CA GLN A 122 -5.90 0.35 -15.97
C GLN A 122 -4.64 -0.10 -15.24
N LEU A 123 -4.38 -1.40 -15.26
CA LEU A 123 -3.25 -1.98 -14.54
C LEU A 123 -2.01 -1.99 -15.42
N ALA A 124 -0.87 -1.66 -14.82
CA ALA A 124 0.42 -1.75 -15.50
C ALA A 124 1.39 -2.51 -14.60
N ASP A 125 1.72 -3.73 -14.99
CA ASP A 125 2.60 -4.60 -14.22
C ASP A 125 4.03 -4.37 -14.69
N HIS A 126 4.90 -3.93 -13.77
CA HIS A 126 6.28 -3.59 -14.08
C HIS A 126 7.22 -4.65 -13.49
N TYR A 127 7.99 -5.29 -14.37
CA TYR A 127 9.13 -6.12 -14.00
C TYR A 127 10.38 -5.44 -14.51
N GLN A 128 11.43 -5.36 -13.68
CA GLN A 128 12.55 -4.49 -13.97
C GLN A 128 13.87 -5.15 -13.61
N GLN A 129 14.85 -5.05 -14.50
CA GLN A 129 16.21 -5.50 -14.25
C GLN A 129 17.17 -4.32 -14.39
N ASN A 130 18.19 -4.27 -13.55
CA ASN A 130 19.20 -3.22 -13.59
C ASN A 130 20.57 -3.85 -13.48
N THR A 131 21.47 -3.48 -14.40
CA THR A 131 22.80 -4.09 -14.52
C THR A 131 23.84 -2.99 -14.71
N PRO A 132 24.92 -2.97 -13.93
CA PRO A 132 25.91 -1.90 -14.08
C PRO A 132 26.59 -1.93 -15.44
N ILE A 133 26.74 -0.74 -16.03
CA ILE A 133 27.42 -0.64 -17.33
C ILE A 133 28.92 -0.89 -17.16
N GLY A 134 29.53 -0.30 -16.14
CA GLY A 134 30.93 -0.48 -15.89
C GLY A 134 31.22 -1.84 -15.27
N ASP A 135 32.52 -2.08 -15.04
CA ASP A 135 33.00 -3.33 -14.46
C ASP A 135 33.47 -3.16 -13.02
N GLY A 136 33.22 -2.00 -12.41
CA GLY A 136 33.67 -1.75 -11.06
C GLY A 136 32.72 -2.33 -10.04
N PRO A 137 33.11 -2.19 -8.77
CA PRO A 137 32.27 -2.73 -7.68
C PRO A 137 31.01 -1.90 -7.49
N VAL A 138 29.91 -2.59 -7.20
CA VAL A 138 28.62 -1.94 -7.00
C VAL A 138 27.98 -2.53 -5.74
N LEU A 139 27.08 -1.74 -5.14
CA LEU A 139 26.38 -2.15 -3.93
C LEU A 139 25.20 -3.02 -4.29
N LEU A 140 25.19 -4.28 -3.81
CA LEU A 140 24.07 -5.16 -4.02
C LEU A 140 23.22 -5.19 -2.76
N PRO A 141 22.02 -4.61 -2.77
CA PRO A 141 21.30 -4.34 -1.53
C PRO A 141 20.45 -5.50 -1.04
N ASP A 142 20.11 -5.44 0.23
CA ASP A 142 19.09 -6.30 0.78
C ASP A 142 17.72 -5.86 0.30
N ASN A 143 16.73 -6.73 0.48
CA ASN A 143 15.37 -6.44 0.03
C ASN A 143 14.87 -5.15 0.66
N HIS A 144 14.45 -4.20 -0.18
CA HIS A 144 13.87 -2.96 0.31
C HIS A 144 12.88 -2.45 -0.73
N TYR A 145 12.41 -1.21 -0.56
CA TYR A 145 11.46 -0.68 -1.52
C TYR A 145 11.64 0.82 -1.66
N LEU A 146 11.18 1.33 -2.81
CA LEU A 146 11.13 2.75 -3.11
C LEU A 146 9.68 3.20 -3.09
N SER A 147 9.38 4.20 -2.26
CA SER A 147 8.08 4.85 -2.24
C SER A 147 8.16 6.12 -3.05
N THR A 148 7.25 6.27 -4.00
CA THR A 148 7.28 7.35 -4.97
C THR A 148 5.99 8.16 -4.93
N GLN A 149 6.14 9.48 -5.02
CA GLN A 149 5.03 10.40 -5.22
C GLN A 149 5.28 11.15 -6.52
N SER A 150 4.27 11.18 -7.40
CA SER A 150 4.40 11.79 -8.71
C SER A 150 3.30 12.82 -8.89
N VAL A 151 3.66 14.01 -9.36
CA VAL A 151 2.71 15.08 -9.64
C VAL A 151 2.89 15.49 -11.09
N LEU A 152 1.83 15.35 -11.87
CA LEU A 152 1.81 15.71 -13.28
C LEU A 152 1.02 16.99 -13.46
N SER A 153 1.58 17.92 -14.25
CA SER A 153 0.94 19.20 -14.49
C SER A 153 1.28 19.66 -15.89
N LYS A 154 0.77 20.84 -16.25
CA LYS A 154 0.96 21.42 -17.56
C LYS A 154 1.55 22.83 -17.44
N ASP A 155 2.33 23.19 -18.45
CA ASP A 155 2.75 24.57 -18.64
C ASP A 155 1.68 25.30 -19.46
N PRO A 156 1.04 26.34 -18.92
CA PRO A 156 -0.01 27.02 -19.70
C PRO A 156 0.51 27.67 -20.97
N ASN A 157 1.79 28.02 -21.03
CA ASN A 157 2.35 28.73 -22.17
C ASN A 157 3.06 27.82 -23.16
N GLU A 158 3.07 26.51 -22.94
CA GLU A 158 3.73 25.56 -23.82
C GLU A 158 2.69 25.01 -24.79
N LYS A 159 2.86 25.34 -26.08
CA LYS A 159 1.91 24.90 -27.10
C LYS A 159 2.14 23.47 -27.55
N ARG A 160 3.32 22.90 -27.26
CA ARG A 160 3.62 21.53 -27.63
C ARG A 160 2.98 20.55 -26.65
N ASP A 161 2.83 19.31 -27.10
CA ASP A 161 2.33 18.25 -26.24
C ASP A 161 3.43 17.87 -25.23
N HIS A 162 3.16 18.13 -23.95
CA HIS A 162 4.21 18.09 -22.94
C HIS A 162 3.66 17.51 -21.64
N MET A 163 4.55 17.43 -20.65
CA MET A 163 4.21 16.98 -19.31
C MET A 163 5.23 17.57 -18.35
N VAL A 164 4.77 18.33 -17.35
CA VAL A 164 5.63 18.80 -16.28
C VAL A 164 5.52 17.82 -15.12
N LEU A 165 6.62 17.16 -14.78
CA LEU A 165 6.62 16.11 -13.78
C LEU A 165 7.44 16.55 -12.58
N LEU A 166 6.91 16.28 -11.39
CA LEU A 166 7.60 16.58 -10.14
C LEU A 166 7.47 15.37 -9.23
N GLU A 167 8.60 14.80 -8.84
CA GLU A 167 8.63 13.51 -8.15
C GLU A 167 9.39 13.59 -6.84
N PHE A 168 8.92 12.83 -5.86
CA PHE A 168 9.63 12.61 -4.60
C PHE A 168 9.74 11.12 -4.36
N VAL A 169 10.98 10.62 -4.29
CA VAL A 169 11.26 9.20 -4.11
C VAL A 169 12.07 9.01 -2.84
N THR A 170 11.60 8.13 -1.95
CA THR A 170 12.32 7.82 -0.72
C THR A 170 12.44 6.32 -0.56
N ALA A 171 13.60 5.86 -0.10
CA ALA A 171 13.85 4.45 0.12
C ALA A 171 13.46 4.06 1.54
N ALA A 172 12.88 2.87 1.68
CA ALA A 172 12.47 2.36 2.97
C ALA A 172 12.55 0.84 2.97
N GLY A 173 12.25 0.24 4.11
CA GLY A 173 12.28 -1.20 4.26
C GLY A 173 13.51 -1.75 4.97
N ILE A 174 14.28 -0.91 5.67
CA ILE A 174 15.47 -1.34 6.38
C ILE A 174 15.56 -0.53 7.67
N THR A 175 15.85 -1.21 8.78
CA THR A 175 15.80 -0.62 10.10
C THR A 175 17.17 -0.19 10.59
N LEU A 176 17.21 0.92 11.30
CA LEU A 176 18.39 1.30 12.08
C LEU A 176 18.22 0.69 13.47
N GLY A 177 19.10 -0.25 13.82
CA GLY A 177 18.95 -1.01 15.04
C GLY A 177 19.74 -0.45 16.20
N MET A 178 20.10 0.83 16.13
CA MET A 178 20.88 1.50 17.16
C MET A 178 22.19 0.75 17.44
N ASP A 179 22.77 0.18 16.38
CA ASP A 179 23.96 -0.65 16.54
C ASP A 179 25.03 -0.44 15.47
N GLU A 180 24.81 0.44 14.49
CA GLU A 180 25.80 0.62 13.43
C GLU A 180 26.08 2.10 13.19
N LEU A 181 26.83 2.39 12.13
CA LEU A 181 27.23 3.75 11.80
C LEU A 181 26.29 4.37 10.77
N SER A 191 29.42 6.07 -0.47
CA SER A 191 30.11 5.41 -1.58
C SER A 191 30.75 6.42 -2.53
N LYS A 192 31.57 5.92 -3.45
CA LYS A 192 32.30 6.81 -4.35
C LYS A 192 31.37 7.54 -5.31
N GLY A 193 30.38 6.84 -5.87
CA GLY A 193 29.46 7.48 -6.79
C GLY A 193 28.50 8.43 -6.12
N GLU A 194 28.14 8.15 -4.86
CA GLU A 194 27.21 9.01 -4.13
C GLU A 194 27.67 10.46 -4.11
N GLU A 195 28.99 10.70 -4.07
CA GLU A 195 29.52 12.04 -4.03
C GLU A 195 29.11 12.87 -5.24
N LEU A 196 28.60 12.25 -6.30
CA LEU A 196 28.15 12.97 -7.49
C LEU A 196 26.73 13.52 -7.34
N PHE A 197 26.01 13.16 -6.29
CA PHE A 197 24.63 13.58 -6.11
C PHE A 197 24.45 14.50 -4.90
N THR A 198 25.55 14.98 -4.30
CA THR A 198 25.44 15.81 -3.11
C THR A 198 24.70 17.11 -3.40
N GLY A 199 24.96 17.73 -4.54
CA GLY A 199 24.29 18.93 -4.97
C GLY A 199 23.10 18.64 -5.86
N VAL A 200 22.77 19.63 -6.69
CA VAL A 200 21.69 19.50 -7.67
C VAL A 200 22.32 19.14 -9.01
N VAL A 201 21.77 18.12 -9.66
CA VAL A 201 22.34 17.55 -10.87
C VAL A 201 21.40 17.84 -12.04
N PRO A 202 21.90 18.37 -13.16
CA PRO A 202 21.05 18.49 -14.35
C PRO A 202 20.73 17.12 -14.93
N ILE A 203 19.56 17.02 -15.58
CA ILE A 203 19.03 15.75 -16.05
C ILE A 203 18.54 15.94 -17.48
N LEU A 204 19.02 15.08 -18.37
CA LEU A 204 18.53 14.98 -19.74
C LEU A 204 17.95 13.58 -19.94
N VAL A 205 16.77 13.52 -20.54
CA VAL A 205 16.10 12.25 -20.82
C VAL A 205 15.70 12.24 -22.28
N GLU A 206 16.11 11.20 -23.00
CA GLU A 206 15.78 11.06 -24.42
C GLU A 206 15.16 9.69 -24.61
N LEU A 207 13.92 9.64 -25.10
CA LEU A 207 13.19 8.40 -25.29
C LEU A 207 12.78 8.29 -26.75
N ASP A 208 13.28 7.25 -27.43
CA ASP A 208 12.84 6.92 -28.78
C ASP A 208 11.95 5.70 -28.69
N GLY A 209 10.68 5.85 -29.07
CA GLY A 209 9.70 4.81 -28.87
C GLY A 209 8.90 4.52 -30.12
N GLY A 210 8.38 3.30 -30.16
CA GLY A 210 7.43 2.90 -31.18
C GLY A 210 6.35 2.02 -30.59
N VAL A 211 5.10 2.44 -30.69
CA VAL A 211 3.98 1.68 -30.15
C VAL A 211 3.01 1.37 -31.29
N ASN A 212 2.86 0.08 -31.60
CA ASN A 212 1.99 -0.40 -32.68
C ASN A 212 2.31 0.29 -34.00
N GLY A 213 3.59 0.57 -34.24
CA GLY A 213 4.02 1.24 -35.44
C GLY A 213 4.11 2.75 -35.34
N HIS A 214 3.48 3.36 -34.33
CA HIS A 214 3.61 4.80 -34.11
C HIS A 214 5.01 5.10 -33.60
N LYS A 215 5.79 5.82 -34.40
CA LYS A 215 7.12 6.24 -34.02
C LYS A 215 7.05 7.61 -33.37
N PHE A 216 7.70 7.77 -32.21
CA PHE A 216 7.69 9.05 -31.52
C PHE A 216 8.97 9.20 -30.71
N SER A 217 9.24 10.45 -30.33
CA SER A 217 10.40 10.78 -29.51
C SER A 217 9.98 11.75 -28.43
N VAL A 218 10.54 11.58 -27.24
CA VAL A 218 10.27 12.44 -26.09
C VAL A 218 11.61 12.95 -25.58
N ARG A 219 11.71 14.27 -25.38
CA ARG A 219 12.89 14.87 -24.80
C ARG A 219 12.49 15.59 -23.52
N GLY A 220 13.19 15.30 -22.45
CA GLY A 220 12.89 15.90 -21.16
C GLY A 220 14.12 16.52 -20.56
N GLU A 221 13.97 17.74 -20.04
CA GLU A 221 15.05 18.42 -19.37
C GLU A 221 14.63 18.81 -17.97
N GLY A 222 15.56 18.72 -17.02
CA GLY A 222 15.25 19.16 -15.68
C GLY A 222 16.41 19.02 -14.72
N GLU A 223 16.10 18.85 -13.43
CA GLU A 223 17.14 18.71 -12.43
C GLU A 223 16.67 17.75 -11.33
N GLY A 224 17.65 17.27 -10.57
CA GLY A 224 17.40 16.33 -9.49
C GLY A 224 18.22 16.62 -8.26
N ASP A 225 17.59 16.51 -7.10
CA ASP A 225 18.23 16.70 -5.79
C ASP A 225 18.06 15.39 -5.04
N ALA A 226 19.13 14.58 -5.00
CA ALA A 226 19.06 13.28 -4.37
C ALA A 226 19.05 13.37 -2.85
N THR A 227 19.70 14.38 -2.28
CA THR A 227 19.65 14.58 -0.83
C THR A 227 18.24 14.85 -0.34
N ASN A 228 17.36 15.35 -1.22
CA ASN A 228 15.95 15.53 -0.90
C ASN A 228 15.05 14.55 -1.63
N GLY A 229 15.58 13.81 -2.61
CA GLY A 229 14.78 12.89 -3.37
C GLY A 229 13.80 13.55 -4.31
N LYS A 230 14.11 14.76 -4.77
CA LYS A 230 13.20 15.53 -5.61
C LYS A 230 13.67 15.53 -7.06
N LEU A 231 12.71 15.41 -7.97
CA LEU A 231 12.96 15.52 -9.41
C LEU A 231 12.01 16.56 -9.98
N THR A 232 12.54 17.45 -10.80
CA THR A 232 11.73 18.43 -11.53
C THR A 232 12.09 18.32 -13.00
N LEU A 233 11.16 17.84 -13.82
CA LEU A 233 11.44 17.60 -15.23
C LEU A 233 10.30 18.14 -16.10
N LYS A 234 10.64 18.51 -17.33
CA LYS A 234 9.67 18.88 -18.33
C LYS A 234 9.94 18.05 -19.57
N PHE A 235 8.94 17.28 -19.99
CA PHE A 235 9.02 16.40 -21.15
C PHE A 235 8.19 16.98 -22.29
N ILE A 236 8.71 16.89 -23.50
CA ILE A 236 8.03 17.36 -24.71
C ILE A 236 8.12 16.27 -25.76
N CYS A 237 7.03 16.08 -26.51
CA CYS A 237 6.99 15.11 -27.59
C CYS A 237 7.48 15.81 -28.85
N THR A 238 8.76 15.62 -29.17
CA THR A 238 9.42 16.33 -30.26
C THR A 238 8.94 15.88 -31.64
N THR A 239 8.01 14.94 -31.72
CA THR A 239 7.56 14.39 -32.99
C THR A 239 6.07 14.62 -33.21
N GLY A 240 5.51 15.65 -32.58
CA GLY A 240 4.10 15.93 -32.73
C GLY A 240 3.27 15.49 -31.55
N LYS A 241 2.09 14.90 -31.82
CA LYS A 241 1.22 14.44 -30.75
C LYS A 241 1.67 13.08 -30.25
N LEU A 242 1.70 12.92 -28.93
CA LEU A 242 2.12 11.66 -28.33
C LEU A 242 1.05 10.60 -28.57
N PRO A 243 1.39 9.45 -29.16
CA PRO A 243 0.38 8.42 -29.45
C PRO A 243 -0.06 7.61 -28.24
N VAL A 244 0.45 7.92 -27.05
CA VAL A 244 0.03 7.23 -25.84
C VAL A 244 -0.20 8.30 -24.77
N PRO A 245 -0.94 7.98 -23.71
CA PRO A 245 -1.10 8.94 -22.63
C PRO A 245 0.20 9.09 -21.84
N TRP A 246 0.43 10.32 -21.37
CA TRP A 246 1.67 10.60 -20.66
C TRP A 246 1.90 9.75 -19.42
N PRO A 247 0.90 9.47 -18.56
CA PRO A 247 1.20 8.69 -17.34
C PRO A 247 1.78 7.31 -17.61
N THR A 248 1.53 6.72 -18.78
CA THR A 248 2.09 5.41 -19.09
C THR A 248 3.61 5.47 -19.30
N LEU A 249 4.16 6.66 -19.53
CA LEU A 249 5.59 6.84 -19.75
C LEU A 249 6.32 7.37 -18.52
N VAL A 250 5.60 7.63 -17.43
CA VAL A 250 6.22 8.26 -16.26
C VAL A 250 7.26 7.33 -15.64
N THR A 251 6.88 6.06 -15.43
CA THR A 251 7.83 5.09 -14.89
C THR A 251 9.02 4.92 -15.82
N THR A 252 8.77 4.92 -17.13
CA THR A 252 9.85 4.69 -18.09
C THR A 252 10.83 5.86 -18.13
N LEU A 253 10.32 7.09 -18.07
CA LEU A 253 11.18 8.27 -18.08
C LEU A 253 11.84 8.51 -16.74
N1 CRO A 254 11.09 8.76 -15.52
CA1 CRO A 254 11.59 8.82 -14.22
CB1 CRO A 254 10.66 9.76 -13.34
CG1 CRO A 254 11.16 11.16 -13.42
OG1 CRO A 254 9.37 9.69 -13.83
C1 CRO A 254 11.60 7.40 -13.60
N2 CRO A 254 10.58 6.90 -12.72
N3 CRO A 254 12.64 6.42 -13.83
C2 CRO A 254 12.22 5.22 -13.03
O2 CRO A 254 12.82 4.17 -12.95
CA2 CRO A 254 10.90 5.56 -12.34
CA3 CRO A 254 13.87 6.56 -14.68
C3 CRO A 254 15.07 6.01 -13.92
O3 CRO A 254 15.72 5.05 -14.39
CB2 CRO A 254 10.23 4.72 -11.53
CG2 CRO A 254 8.90 4.96 -10.90
CD1 CRO A 254 8.26 6.19 -10.97
CD2 CRO A 254 8.31 3.94 -10.24
CE1 CRO A 254 7.04 6.36 -10.37
CE2 CRO A 254 7.09 4.10 -9.65
CZ CRO A 254 6.45 5.31 -9.71
OH CRO A 254 5.20 5.48 -9.10
N VAL A 255 15.80 7.22 -13.71
CA VAL A 255 16.55 8.10 -12.83
C VAL A 255 16.31 7.76 -11.36
N GLN A 256 16.27 6.46 -11.07
CA GLN A 256 16.12 6.00 -9.70
C GLN A 256 17.35 6.28 -8.84
N CYS A 257 18.43 6.80 -9.44
CA CYS A 257 19.60 7.21 -8.67
C CYS A 257 19.37 8.49 -7.88
N PHE A 258 18.28 9.21 -8.16
CA PHE A 258 17.94 10.42 -7.43
C PHE A 258 17.02 10.13 -6.25
N SER A 259 16.76 8.86 -5.95
CA SER A 259 15.98 8.51 -4.77
C SER A 259 16.76 8.88 -3.51
N ARG A 260 16.05 9.40 -2.52
CA ARG A 260 16.67 9.74 -1.24
C ARG A 260 16.79 8.48 -0.40
N TYR A 261 18.03 8.02 -0.22
CA TYR A 261 18.29 6.89 0.65
C TYR A 261 18.69 7.41 2.02
N PRO A 262 17.97 7.06 3.09
CA PRO A 262 18.36 7.52 4.42
C PRO A 262 19.77 7.04 4.76
N ASP A 263 20.36 7.72 5.75
CA ASP A 263 21.74 7.41 6.14
C ASP A 263 21.89 5.94 6.52
N HIS A 264 20.96 5.44 7.35
CA HIS A 264 21.08 4.10 7.92
C HIS A 264 20.99 2.99 6.87
N MET A 265 20.60 3.30 5.64
CA MET A 265 20.64 2.31 4.56
C MET A 265 21.39 2.84 3.35
N LYS A 266 22.28 3.82 3.54
CA LYS A 266 23.01 4.40 2.42
C LYS A 266 23.88 3.38 1.70
N GLN A 267 24.25 2.30 2.37
CA GLN A 267 25.03 1.23 1.75
C GLN A 267 24.18 0.28 0.91
N HIS A 268 22.91 0.63 0.66
CA HIS A 268 22.04 -0.18 -0.19
C HIS A 268 21.64 0.51 -1.47
N ASP A 269 22.14 1.72 -1.74
CA ASP A 269 21.83 2.44 -2.96
C ASP A 269 22.65 1.85 -4.10
N PHE A 270 22.02 0.96 -4.88
CA PHE A 270 22.72 0.37 -6.02
C PHE A 270 22.93 1.38 -7.13
N PHE A 271 21.97 2.27 -7.33
CA PHE A 271 21.99 3.13 -8.51
C PHE A 271 23.15 4.12 -8.47
N LYS A 272 23.34 4.78 -7.33
CA LYS A 272 24.44 5.74 -7.23
C LYS A 272 25.80 5.05 -7.31
N SER A 273 25.90 3.82 -6.81
CA SER A 273 27.18 3.11 -6.83
C SER A 273 27.64 2.80 -8.25
N ALA A 274 26.69 2.65 -9.18
CA ALA A 274 27.03 2.38 -10.56
C ALA A 274 27.56 3.61 -11.29
N MET A 275 27.36 4.80 -10.74
CA MET A 275 27.81 6.04 -11.36
C MET A 275 29.31 6.23 -11.13
N PRO A 276 30.00 6.94 -12.03
CA PRO A 276 29.47 7.65 -13.21
C PRO A 276 29.26 6.77 -14.43
N GLU A 277 29.73 5.52 -14.36
CA GLU A 277 29.60 4.62 -15.52
C GLU A 277 28.14 4.38 -15.88
N GLY A 278 27.25 4.43 -14.92
CA GLY A 278 25.84 4.26 -15.18
C GLY A 278 25.39 2.81 -15.10
N TYR A 279 24.12 2.61 -15.45
CA TYR A 279 23.52 1.29 -15.42
C TYR A 279 22.53 1.16 -16.56
N VAL A 280 22.29 -0.09 -16.95
CA VAL A 280 21.24 -0.44 -17.90
C VAL A 280 19.99 -0.83 -17.12
N GLN A 281 18.89 -0.17 -17.43
CA GLN A 281 17.59 -0.46 -16.84
C GLN A 281 16.69 -1.02 -17.93
N GLU A 282 16.41 -2.32 -17.85
CA GLU A 282 15.47 -2.98 -18.75
C GLU A 282 14.15 -3.19 -18.00
N ARG A 283 13.05 -3.05 -18.73
CA ARG A 283 11.74 -3.09 -18.09
C ARG A 283 10.73 -3.72 -19.03
N THR A 284 9.86 -4.56 -18.46
CA THR A 284 8.70 -5.08 -19.17
C THR A 284 7.46 -4.61 -18.42
N ILE A 285 6.59 -3.90 -19.14
CA ILE A 285 5.38 -3.32 -18.59
C ILE A 285 4.19 -3.95 -19.31
N SER A 286 3.44 -4.77 -18.60
CA SER A 286 2.27 -5.44 -19.17
C SER A 286 1.02 -4.69 -18.74
N PHE A 287 0.29 -4.15 -19.73
CA PHE A 287 -0.97 -3.47 -19.47
C PHE A 287 -2.08 -4.51 -19.52
N LYS A 288 -2.86 -4.61 -18.44
CA LYS A 288 -3.88 -5.65 -18.34
C LYS A 288 -4.89 -5.54 -19.47
N ASP A 289 -5.13 -6.67 -20.14
CA ASP A 289 -6.05 -6.76 -21.27
C ASP A 289 -5.67 -5.78 -22.37
N ASP A 290 -4.38 -5.48 -22.51
CA ASP A 290 -3.89 -4.60 -23.56
C ASP A 290 -2.45 -5.00 -23.89
N GLY A 291 -1.77 -4.17 -24.66
CA GLY A 291 -0.43 -4.46 -25.11
C GLY A 291 0.59 -4.38 -23.99
N THR A 292 1.86 -4.43 -24.40
CA THR A 292 2.98 -4.36 -23.46
C THR A 292 4.09 -3.47 -24.01
N TYR A 293 4.73 -2.74 -23.09
CA TYR A 293 5.96 -2.01 -23.35
C TYR A 293 7.17 -2.87 -23.01
N LYS A 294 8.19 -2.80 -23.86
CA LYS A 294 9.51 -3.34 -23.57
C LYS A 294 10.51 -2.22 -23.73
N THR A 295 11.14 -1.82 -22.65
CA THR A 295 12.03 -0.67 -22.64
C THR A 295 13.43 -1.07 -22.22
N ARG A 296 14.42 -0.45 -22.84
CA ARG A 296 15.80 -0.56 -22.41
C ARG A 296 16.42 0.83 -22.36
N ALA A 297 17.00 1.19 -21.22
CA ALA A 297 17.57 2.52 -21.04
C ALA A 297 18.98 2.41 -20.48
N GLU A 298 19.82 3.37 -20.86
CA GLU A 298 21.11 3.60 -20.25
C GLU A 298 21.04 4.88 -19.44
N VAL A 299 21.27 4.77 -18.14
CA VAL A 299 21.28 5.91 -17.22
C VAL A 299 22.74 6.13 -16.83
N LYS A 300 23.33 7.23 -17.29
CA LYS A 300 24.75 7.45 -17.05
C LYS A 300 25.04 8.94 -17.08
N PHE A 301 26.24 9.29 -16.63
CA PHE A 301 26.68 10.68 -16.64
C PHE A 301 27.36 11.01 -17.96
N GLU A 302 27.07 12.22 -18.47
CA GLU A 302 27.74 12.78 -19.62
C GLU A 302 28.08 14.22 -19.26
N GLY A 303 29.37 14.53 -19.21
CA GLY A 303 29.78 15.80 -18.65
C GLY A 303 29.28 15.90 -17.23
N ASP A 304 28.51 16.96 -16.95
CA ASP A 304 27.91 17.16 -15.64
C ASP A 304 26.44 16.79 -15.58
N THR A 305 25.90 16.21 -16.65
CA THR A 305 24.46 15.94 -16.76
C THR A 305 24.19 14.45 -16.67
N LEU A 306 23.24 14.07 -15.81
CA LEU A 306 22.75 12.71 -15.76
C LEU A 306 21.75 12.51 -16.91
N VAL A 307 22.09 11.63 -17.85
CA VAL A 307 21.24 11.37 -18.99
C VAL A 307 20.63 9.99 -18.86
N ASN A 308 19.44 9.86 -19.43
CA ASN A 308 18.65 8.63 -19.45
C ASN A 308 18.19 8.43 -20.90
N ARG A 309 18.86 7.55 -21.63
CA ARG A 309 18.50 7.25 -23.01
C ARG A 309 17.70 5.96 -23.05
N ILE A 310 16.49 6.05 -23.57
CA ILE A 310 15.52 4.95 -23.54
C ILE A 310 15.12 4.59 -24.96
N GLU A 311 15.05 3.30 -25.24
CA GLU A 311 14.37 2.78 -26.41
C GLU A 311 13.17 1.98 -25.94
N LEU A 312 12.00 2.32 -26.46
CA LEU A 312 10.74 1.70 -26.06
C LEU A 312 10.09 1.06 -27.27
N LYS A 313 9.66 -0.18 -27.13
CA LYS A 313 8.89 -0.88 -28.15
C LYS A 313 7.64 -1.44 -27.50
N GLY A 314 6.49 -0.90 -27.85
CA GLY A 314 5.21 -1.39 -27.38
C GLY A 314 4.52 -2.17 -28.49
N ILE A 315 3.93 -3.31 -28.13
CA ILE A 315 3.26 -4.17 -29.09
C ILE A 315 1.99 -4.75 -28.50
N ASP A 316 1.15 -5.29 -29.39
CA ASP A 316 -0.09 -5.99 -29.04
C ASP A 316 -1.13 -5.06 -28.42
N PHE A 317 -1.03 -3.75 -28.67
CA PHE A 317 -1.98 -2.80 -28.13
C PHE A 317 -3.23 -2.74 -28.99
N LYS A 318 -4.35 -2.39 -28.36
CA LYS A 318 -5.62 -2.30 -29.05
C LYS A 318 -5.87 -0.87 -29.50
N GLU A 319 -6.25 -0.72 -30.77
CA GLU A 319 -6.35 0.62 -31.37
C GLU A 319 -7.44 1.45 -30.68
N ASP A 320 -8.54 0.82 -30.29
CA ASP A 320 -9.56 1.48 -29.49
C ASP A 320 -9.40 1.21 -28.01
N GLY A 321 -8.24 0.68 -27.60
CA GLY A 321 -8.00 0.37 -26.21
C GLY A 321 -7.81 1.61 -25.36
N ASN A 322 -7.50 1.38 -24.09
CA ASN A 322 -7.37 2.48 -23.15
C ASN A 322 -6.09 3.28 -23.38
N ILE A 323 -5.05 2.65 -23.95
CA ILE A 323 -3.79 3.33 -24.17
C ILE A 323 -3.82 4.08 -25.49
N LEU A 324 -4.08 3.36 -26.58
CA LEU A 324 -4.13 4.00 -27.89
C LEU A 324 -5.40 4.82 -28.11
N GLY A 325 -6.36 4.76 -27.19
CA GLY A 325 -7.53 5.59 -27.24
C GLY A 325 -7.50 6.78 -26.32
N HIS A 326 -6.42 6.95 -25.56
CA HIS A 326 -6.28 8.05 -24.59
C HIS A 326 -7.48 8.13 -23.67
N LYS A 327 -7.70 7.03 -22.93
CA LYS A 327 -8.77 6.93 -21.97
C LYS A 327 -8.26 7.00 -20.53
N LEU A 328 -7.07 7.53 -20.34
CA LEU A 328 -6.46 7.63 -19.02
C LEU A 328 -6.43 9.09 -18.59
N GLU A 329 -6.81 9.35 -17.34
CA GLU A 329 -6.77 10.69 -16.81
C GLU A 329 -5.34 11.17 -16.67
N TYR A 330 -5.15 12.49 -16.75
CA TYR A 330 -3.81 13.08 -16.64
C TYR A 330 -3.51 13.37 -15.17
N ASN A 331 -3.25 12.30 -14.44
CA ASN A 331 -2.86 12.40 -13.03
C ASN A 331 -2.11 11.13 -12.65
N PHE A 332 -1.80 10.99 -11.37
CA PHE A 332 -1.09 9.84 -10.86
C PHE A 332 -1.64 9.54 -9.48
N PRO A 333 -1.82 8.26 -9.14
CA PRO A 333 -2.35 7.90 -7.82
C PRO A 333 -1.43 8.39 -6.71
N PRO A 334 -2.00 8.96 -5.65
CA PRO A 334 -1.17 9.45 -4.54
C PRO A 334 -0.45 8.31 -3.85
N PRO A 335 0.66 8.57 -3.17
CA PRO A 335 1.42 7.49 -2.55
C PRO A 335 0.73 6.96 -1.31
N SER A 336 0.81 5.64 -1.12
CA SER A 336 0.25 4.97 0.05
C SER A 336 1.23 5.11 1.19
N SER A 337 0.92 6.02 2.12
CA SER A 337 1.84 6.34 3.20
C SER A 337 1.80 5.27 4.29
N THR A 338 2.92 5.16 5.01
CA THR A 338 3.03 4.26 6.16
C THR A 338 2.80 4.99 7.48
N ASP A 339 2.68 6.32 7.46
CA ASP A 339 2.43 7.11 8.65
C ASP A 339 0.93 7.09 8.96
N PRO A 340 0.53 6.80 10.20
CA PRO A 340 -0.91 6.71 10.51
C PRO A 340 -1.74 7.93 10.10
N GLU A 341 -1.28 9.13 10.44
CA GLU A 341 -2.02 10.34 10.07
C GLU A 341 -2.07 10.49 8.56
N GLY A 342 -0.92 10.33 7.89
CA GLY A 342 -0.90 10.41 6.44
C GLY A 342 -1.74 9.34 5.79
N ALA A 343 -1.71 8.12 6.34
CA ALA A 343 -2.54 7.05 5.80
C ALA A 343 -4.02 7.38 5.91
N TYR A 344 -4.46 7.82 7.09
CA TYR A 344 -5.86 8.17 7.27
C TYR A 344 -6.28 9.28 6.30
N GLU A 345 -5.46 10.33 6.18
CA GLU A 345 -5.84 11.45 5.33
C GLU A 345 -5.86 11.05 3.85
N THR A 346 -4.88 10.24 3.42
CA THR A 346 -4.86 9.77 2.04
C THR A 346 -6.09 8.94 1.73
N VAL A 347 -6.45 8.03 2.63
CA VAL A 347 -7.60 7.17 2.39
C VAL A 347 -8.89 7.98 2.38
N LYS A 348 -9.01 8.95 3.30
CA LYS A 348 -10.19 9.81 3.33
C LYS A 348 -10.32 10.60 2.04
N LYS A 349 -9.22 11.18 1.56
CA LYS A 349 -9.26 11.98 0.33
C LYS A 349 -9.62 11.13 -0.87
N GLU A 350 -9.02 9.94 -1.00
CA GLU A 350 -9.30 9.12 -2.17
C GLU A 350 -10.65 8.40 -2.10
N TYR A 351 -11.22 8.23 -0.91
CA TYR A 351 -12.60 7.77 -0.81
C TYR A 351 -13.58 8.87 -1.16
N LYS A 352 -13.29 10.11 -0.76
CA LYS A 352 -14.20 11.20 -1.08
C LYS A 352 -14.16 11.53 -2.56
N ARG A 353 -12.95 11.65 -3.13
CA ARG A 353 -12.82 12.00 -4.55
C ARG A 353 -13.44 10.93 -5.44
N LYS A 354 -12.93 9.71 -5.34
CA LYS A 354 -13.42 8.60 -6.14
C LYS A 354 -14.37 7.76 -5.30
N TRP A 355 -15.56 7.50 -5.83
CA TRP A 355 -16.67 6.75 -5.26
C TRP A 355 -17.45 7.55 -4.22
N ASN A 356 -17.02 8.75 -3.84
CA ASN A 356 -17.82 9.69 -3.02
C ASN A 356 -18.25 9.05 -1.70
N ILE A 357 -17.26 8.74 -0.87
CA ILE A 357 -17.49 8.03 0.39
C ILE A 357 -16.72 8.74 1.49
N VAL A 358 -17.41 9.02 2.61
CA VAL A 358 -16.88 9.82 3.71
C VAL A 358 -16.28 8.90 4.75
N TRP A 359 -15.05 9.23 5.17
CA TRP A 359 -14.39 8.60 6.31
C TRP A 359 -14.63 9.47 7.53
N LEU A 360 -15.17 8.88 8.59
CA LEU A 360 -15.41 9.61 9.82
C LEU A 360 -14.19 9.50 10.73
N LYS A 361 -14.33 9.97 11.96
CA LYS A 361 -13.18 10.09 12.85
C LYS A 361 -12.77 8.73 13.41
N PRO A 362 -11.48 8.55 13.69
CA PRO A 362 -11.00 7.22 14.13
C PRO A 362 -11.46 6.92 15.55
N LEU A 363 -11.74 5.63 15.79
CA LEU A 363 -12.14 5.17 17.11
C LEU A 363 -10.97 5.02 18.08
N GLY A 364 -9.74 5.17 17.60
CA GLY A 364 -8.59 5.26 18.48
C GLY A 364 -7.94 3.96 18.86
N PHE A 365 -7.96 2.95 17.98
CA PHE A 365 -7.24 1.71 18.24
C PHE A 365 -6.77 1.12 16.92
N ASN A 366 -5.53 0.63 16.92
CA ASN A 366 -4.86 0.15 15.72
C ASN A 366 -4.74 -1.38 15.81
N ASN A 367 -5.67 -2.08 15.15
CA ASN A 367 -5.67 -3.54 15.15
C ASN A 367 -4.87 -4.01 13.93
N THR A 368 -3.58 -4.20 14.14
CA THR A 368 -2.67 -4.57 13.06
C THR A 368 -2.35 -6.05 13.10
N TYR A 369 -2.13 -6.63 11.92
CA TYR A 369 -1.54 -7.95 11.82
C TYR A 369 -0.22 -7.97 12.60
N THR A 370 0.07 -9.11 13.23
CA THR A 370 1.43 -9.28 13.74
C THR A 370 1.72 -10.77 13.85
N LEU A 371 2.92 -11.15 13.44
CA LEU A 371 3.39 -12.53 13.57
C LEU A 371 3.79 -12.76 15.02
N THR A 372 2.99 -13.54 15.74
CA THR A 372 3.28 -13.85 17.13
C THR A 372 3.71 -15.30 17.25
N VAL A 373 4.60 -15.54 18.22
CA VAL A 373 5.13 -16.86 18.50
C VAL A 373 4.94 -17.17 19.97
N LYS A 374 5.22 -18.42 20.35
CA LYS A 374 5.29 -18.77 21.75
C LYS A 374 6.54 -18.13 22.35
N ASP A 375 6.36 -17.35 23.43
CA ASP A 375 7.49 -16.64 24.01
C ASP A 375 8.57 -17.59 24.50
N GLU A 376 8.22 -18.86 24.75
CA GLU A 376 9.24 -19.87 25.02
C GLU A 376 10.10 -20.11 23.78
N LEU A 377 9.46 -20.22 22.61
CA LEU A 377 10.21 -20.35 21.36
C LEU A 377 11.06 -19.11 21.11
N ALA A 378 10.50 -17.93 21.37
CA ALA A 378 11.25 -16.69 21.16
C ALA A 378 12.47 -16.61 22.08
N LYS A 379 12.31 -17.02 23.33
CA LYS A 379 13.46 -17.07 24.24
C LYS A 379 14.46 -18.12 23.80
N GLN A 380 13.98 -19.23 23.23
CA GLN A 380 14.87 -20.32 22.84
C GLN A 380 15.72 -19.94 21.63
N TYR A 381 15.15 -19.19 20.69
CA TYR A 381 15.87 -18.81 19.47
C TYR A 381 16.24 -17.33 19.44
N ASN A 382 16.05 -16.62 20.55
CA ASN A 382 16.34 -15.18 20.65
C ASN A 382 15.72 -14.42 19.48
N LEU A 383 14.40 -14.55 19.37
CA LEU A 383 13.62 -13.93 18.31
C LEU A 383 13.06 -12.61 18.80
N LYS A 384 13.43 -11.52 18.12
CA LYS A 384 12.93 -10.19 18.44
C LYS A 384 12.10 -9.58 17.33
N THR A 385 12.50 -9.75 16.07
CA THR A 385 11.86 -9.11 14.94
C THR A 385 11.46 -10.16 13.90
N PHE A 386 10.76 -9.68 12.86
CA PHE A 386 10.38 -10.56 11.76
C PHE A 386 11.60 -11.09 11.02
N SER A 387 12.68 -10.30 10.95
CA SER A 387 13.87 -10.77 10.25
C SER A 387 14.51 -11.95 10.97
N ASP A 388 14.53 -11.91 12.31
CA ASP A 388 14.99 -13.06 13.08
C ASP A 388 14.11 -14.28 12.85
N LEU A 389 12.80 -14.06 12.66
CA LEU A 389 11.90 -15.17 12.44
C LEU A 389 12.10 -15.77 11.05
N ALA A 390 12.40 -14.94 10.06
CA ALA A 390 12.54 -15.43 8.69
C ALA A 390 13.75 -16.31 8.51
N LYS A 391 14.84 -16.03 9.24
CA LYS A 391 16.07 -16.80 9.08
C LYS A 391 15.92 -18.24 9.58
N ILE A 392 14.93 -18.52 10.41
CA ILE A 392 14.66 -19.87 10.87
C ILE A 392 13.24 -20.32 10.46
N SER A 393 12.65 -19.64 9.48
CA SER A 393 11.26 -19.92 9.11
C SER A 393 11.09 -21.29 8.48
N ASP A 394 12.17 -21.90 7.97
CA ASP A 394 12.04 -23.20 7.33
C ASP A 394 11.72 -24.29 8.34
N LYS A 395 12.12 -24.12 9.60
CA LYS A 395 11.81 -25.09 10.63
C LYS A 395 10.39 -24.93 11.19
N LEU A 396 9.70 -23.86 10.84
CA LEU A 396 8.48 -23.46 11.53
C LEU A 396 7.27 -23.60 10.60
N ILE A 397 6.09 -23.69 11.23
CA ILE A 397 4.81 -23.76 10.54
C ILE A 397 4.04 -22.48 10.84
N LEU A 398 3.35 -21.96 9.83
CA LEU A 398 2.57 -20.74 9.95
C LEU A 398 1.09 -21.08 9.91
N GLY A 399 0.36 -20.69 10.95
CA GLY A 399 -1.07 -20.86 10.98
C GLY A 399 -1.76 -19.52 10.93
N ALA A 400 -2.36 -19.19 9.79
CA ALA A 400 -2.87 -17.85 9.55
C ALA A 400 -4.34 -17.90 9.16
N THR A 401 -5.01 -16.76 9.34
CA THR A 401 -6.41 -16.65 8.94
C THR A 401 -6.51 -16.55 7.41
N MET A 402 -7.74 -16.74 6.92
CA MET A 402 -7.99 -16.61 5.49
C MET A 402 -7.62 -15.22 4.99
N PHE A 403 -7.94 -14.19 5.77
CA PHE A 403 -7.71 -12.81 5.36
C PHE A 403 -6.23 -12.46 5.30
N PHE A 404 -5.39 -13.17 6.07
CA PHE A 404 -3.95 -12.93 6.06
C PHE A 404 -3.24 -13.70 4.96
N LEU A 405 -3.76 -14.86 4.58
CA LEU A 405 -3.17 -15.64 3.50
C LEU A 405 -3.67 -15.22 2.12
N GLU A 406 -4.84 -14.59 2.05
CA GLU A 406 -5.40 -14.14 0.78
C GLU A 406 -5.17 -12.66 0.54
N GLY A 407 -5.24 -11.83 1.57
CA GLY A 407 -5.07 -10.41 1.43
C GLY A 407 -3.68 -10.02 0.99
N PRO A 408 -3.58 -9.07 0.05
CA PRO A 408 -2.25 -8.62 -0.40
C PRO A 408 -1.49 -7.84 0.66
N ASP A 409 -2.17 -7.31 1.66
CA ASP A 409 -1.50 -6.64 2.77
C ASP A 409 -0.98 -7.61 3.81
N GLY A 410 -1.21 -8.91 3.64
CA GLY A 410 -0.77 -9.89 4.60
C GLY A 410 0.45 -10.68 4.16
N TYR A 411 0.32 -12.00 4.15
CA TYR A 411 1.47 -12.86 3.88
C TYR A 411 2.04 -12.67 2.48
N PRO A 412 1.24 -12.62 1.40
CA PRO A 412 1.85 -12.39 0.07
C PRO A 412 2.61 -11.08 -0.02
N GLY A 413 2.10 -10.02 0.60
CA GLY A 413 2.84 -8.77 0.63
C GLY A 413 4.04 -8.82 1.56
N LEU A 414 3.95 -9.60 2.64
CA LEU A 414 5.10 -9.76 3.51
C LEU A 414 6.26 -10.42 2.79
N GLN A 415 5.97 -11.42 1.96
CA GLN A 415 7.03 -12.23 1.37
C GLN A 415 7.87 -11.46 0.36
N LYS A 416 7.30 -10.45 -0.29
CA LYS A 416 8.06 -9.67 -1.26
C LYS A 416 8.99 -8.67 -0.61
N LEU A 417 9.07 -8.67 0.71
CA LEU A 417 9.99 -7.82 1.46
C LEU A 417 10.84 -8.59 2.47
N TYR A 418 10.28 -9.63 3.10
CA TYR A 418 10.94 -10.31 4.20
C TYR A 418 11.57 -11.64 3.81
N ASN A 419 11.14 -12.25 2.71
CA ASN A 419 11.68 -13.54 2.26
C ASN A 419 11.44 -14.63 3.30
N PHE A 420 10.18 -14.79 3.69
CA PHE A 420 9.79 -15.89 4.56
C PHE A 420 9.71 -17.19 3.76
N LYS A 421 10.26 -18.26 4.33
CA LYS A 421 10.20 -19.59 3.73
C LYS A 421 9.67 -20.56 4.79
N PHE A 422 8.35 -20.61 4.94
CA PHE A 422 7.75 -21.46 5.96
C PHE A 422 7.59 -22.89 5.42
N LYS A 423 7.71 -23.85 6.33
CA LYS A 423 7.55 -25.26 5.95
C LYS A 423 6.11 -25.54 5.52
N HIS A 424 5.14 -25.05 6.29
CA HIS A 424 3.73 -25.28 5.99
C HIS A 424 2.96 -23.99 6.25
N THR A 425 1.84 -23.84 5.53
CA THR A 425 0.91 -22.74 5.74
C THR A 425 -0.50 -23.32 5.68
N LYS A 426 -1.25 -23.18 6.77
CA LYS A 426 -2.58 -23.76 6.88
C LYS A 426 -3.55 -22.67 7.32
N SER A 427 -4.55 -22.40 6.48
CA SER A 427 -5.59 -21.45 6.85
C SER A 427 -6.48 -22.04 7.94
N MET A 428 -6.76 -21.24 8.96
CA MET A 428 -7.51 -21.71 10.11
C MET A 428 -8.51 -20.65 10.55
N ASP A 429 -9.68 -21.12 11.00
CA ASP A 429 -10.68 -20.22 11.56
C ASP A 429 -10.10 -19.43 12.74
N MET A 430 -10.60 -18.21 12.91
CA MET A 430 -10.16 -17.39 14.03
C MET A 430 -10.51 -18.07 15.34
N GLY A 431 -9.56 -18.06 16.28
CA GLY A 431 -9.71 -18.75 17.54
C GLY A 431 -9.09 -20.14 17.54
N ILE A 432 -9.20 -20.86 16.43
CA ILE A 432 -8.55 -22.15 16.32
C ILE A 432 -7.03 -22.00 16.35
N ARG A 433 -6.52 -20.88 15.81
CA ARG A 433 -5.08 -20.70 15.73
C ARG A 433 -4.42 -20.54 17.10
N TYR A 434 -5.14 -19.94 18.06
CA TYR A 434 -4.58 -19.77 19.39
C TYR A 434 -4.49 -21.12 20.11
N THR A 435 -5.56 -21.92 20.05
CA THR A 435 -5.52 -23.25 20.64
C THR A 435 -4.59 -24.19 19.88
N ALA A 436 -4.26 -23.86 18.63
CA ALA A 436 -3.33 -24.72 17.89
C ALA A 436 -1.87 -24.36 18.17
N ILE A 437 -1.57 -23.08 18.35
CA ILE A 437 -0.22 -22.69 18.75
C ILE A 437 0.01 -23.06 20.22
N ASP A 438 -1.06 -23.14 21.02
CA ASP A 438 -0.91 -23.59 22.39
C ASP A 438 -0.43 -25.03 22.46
N ASN A 439 -0.82 -25.86 21.50
CA ASN A 439 -0.45 -27.28 21.47
C ASN A 439 0.64 -27.58 20.47
N ASN A 440 1.37 -26.56 20.02
CA ASN A 440 2.54 -26.69 19.15
C ASN A 440 2.22 -27.39 17.82
N GLU A 441 0.93 -27.43 17.44
CA GLU A 441 0.60 -27.81 16.07
C GLU A 441 1.16 -26.82 15.08
N VAL A 442 1.43 -25.59 15.53
CA VAL A 442 1.93 -24.52 14.68
C VAL A 442 2.73 -23.57 15.55
N GLN A 443 3.79 -22.98 14.98
CA GLN A 443 4.73 -22.16 15.73
C GLN A 443 4.45 -20.66 15.64
N VAL A 444 4.08 -20.16 14.46
CA VAL A 444 3.85 -18.73 14.24
C VAL A 444 2.41 -18.54 13.80
N ILE A 445 1.72 -17.57 14.41
CA ILE A 445 0.35 -17.27 14.00
C ILE A 445 0.22 -15.77 13.70
N ASP A 446 -0.85 -15.43 12.99
CA ASP A 446 -1.14 -14.06 12.60
C ASP A 446 -2.10 -13.43 13.62
N ALA A 447 -1.55 -13.09 14.77
CA ALA A 447 -2.37 -12.53 15.82
C ALA A 447 -2.75 -11.10 15.49
N TRP A 448 -4.02 -10.77 15.73
CA TRP A 448 -4.50 -9.40 15.59
C TRP A 448 -4.43 -8.72 16.95
N ALA A 449 -3.93 -7.49 16.96
CA ALA A 449 -3.54 -6.84 18.21
C ALA A 449 -4.70 -6.72 19.19
N THR A 450 -5.93 -6.71 18.69
CA THR A 450 -7.09 -6.57 19.58
C THR A 450 -7.52 -7.88 20.21
N ASP A 451 -7.08 -9.02 19.69
CA ASP A 451 -7.40 -10.30 20.32
C ASP A 451 -6.85 -10.31 21.74
N GLY A 452 -7.74 -10.40 22.72
CA GLY A 452 -7.31 -10.44 24.11
C GLY A 452 -6.55 -11.69 24.49
N LEU A 453 -6.44 -12.65 23.56
CA LEU A 453 -5.80 -13.93 23.84
C LEU A 453 -4.28 -13.87 23.79
N LEU A 454 -3.69 -12.72 23.44
CA LEU A 454 -2.24 -12.65 23.33
C LEU A 454 -1.56 -12.74 24.69
N VAL A 455 -2.16 -12.11 25.72
CA VAL A 455 -1.56 -12.16 27.04
C VAL A 455 -1.83 -13.51 27.71
N SER A 456 -3.03 -14.06 27.53
CA SER A 456 -3.44 -15.26 28.25
C SER A 456 -2.86 -16.55 27.67
N HIS A 457 -2.20 -16.49 26.51
CA HIS A 457 -1.57 -17.66 25.93
C HIS A 457 -0.05 -17.66 26.07
N LYS A 458 0.49 -16.69 26.80
CA LYS A 458 1.94 -16.52 26.95
C LYS A 458 2.61 -16.49 25.58
N LEU A 459 2.23 -15.50 24.79
CA LEU A 459 2.74 -15.31 23.44
C LEU A 459 3.63 -14.07 23.40
N LYS A 460 4.24 -13.85 22.23
CA LYS A 460 5.08 -12.69 21.99
C LYS A 460 4.84 -12.18 20.59
N ILE A 461 4.51 -10.89 20.49
CA ILE A 461 4.46 -10.20 19.20
C ILE A 461 5.89 -9.86 18.79
N LEU A 462 6.14 -9.89 17.49
CA LEU A 462 7.46 -9.61 16.96
C LEU A 462 7.46 -8.28 16.23
N GLU A 463 8.60 -7.60 16.28
CA GLU A 463 8.72 -6.27 15.69
C GLU A 463 8.76 -6.37 14.18
N ASP A 464 7.89 -5.60 13.50
CA ASP A 464 7.91 -5.49 12.04
C ASP A 464 8.97 -4.46 11.69
N ASP A 465 10.23 -4.90 11.71
CA ASP A 465 11.35 -3.97 11.60
C ASP A 465 11.40 -3.29 10.24
N LYS A 466 11.16 -4.03 9.17
CA LYS A 466 11.16 -3.45 7.83
C LYS A 466 9.91 -2.61 7.55
N ALA A 467 9.01 -2.48 8.54
CA ALA A 467 7.88 -1.55 8.47
C ALA A 467 7.02 -1.80 7.24
N PHE A 468 6.75 -3.07 6.95
CA PHE A 468 5.87 -3.39 5.82
C PHE A 468 4.42 -3.03 6.11
N PHE A 469 3.95 -3.36 7.31
CA PHE A 469 2.53 -3.26 7.59
C PHE A 469 2.08 -1.80 7.66
N PRO A 470 0.96 -1.46 7.04
CA PRO A 470 0.43 -0.11 7.16
C PRO A 470 -0.31 0.06 8.47
N PRO A 471 -0.67 1.28 8.85
CA PRO A 471 -1.52 1.47 10.03
C PRO A 471 -2.93 0.95 9.77
N TYR A 472 -3.48 0.26 10.75
CA TYR A 472 -4.81 -0.32 10.68
C TYR A 472 -5.77 0.32 11.68
N TYR A 473 -5.69 1.65 11.83
CA TYR A 473 -6.64 2.36 12.67
C TYR A 473 -8.04 2.27 12.09
N ALA A 474 -9.00 1.88 12.91
CA ALA A 474 -10.37 1.66 12.48
C ALA A 474 -11.18 2.96 12.61
N ALA A 475 -12.14 3.13 11.71
CA ALA A 475 -13.00 4.30 11.69
C ALA A 475 -14.24 3.97 10.88
N PRO A 476 -15.38 4.59 11.18
CA PRO A 476 -16.58 4.32 10.40
C PRO A 476 -16.56 5.05 9.06
N ILE A 477 -17.42 4.56 8.16
CA ILE A 477 -17.44 4.96 6.76
C ILE A 477 -18.88 5.06 6.33
N ILE A 478 -19.23 6.14 5.64
CA ILE A 478 -20.62 6.44 5.30
C ILE A 478 -20.69 6.97 3.87
N ARG A 479 -21.82 6.73 3.21
CA ARG A 479 -21.99 7.30 1.88
C ARG A 479 -22.38 8.78 1.96
N GLN A 480 -22.04 9.51 0.91
CA GLN A 480 -22.30 10.95 0.91
C GLN A 480 -23.80 11.25 0.78
N ASP A 481 -24.50 10.50 -0.08
CA ASP A 481 -25.94 10.75 -0.25
C ASP A 481 -26.72 10.38 1.00
N VAL A 482 -26.27 9.35 1.73
CA VAL A 482 -26.90 9.02 3.01
C VAL A 482 -26.60 10.12 4.03
N LEU A 483 -25.39 10.66 4.01
CA LEU A 483 -25.06 11.80 4.86
C LEU A 483 -25.89 13.02 4.49
N ASP A 484 -26.36 13.10 3.24
CA ASP A 484 -27.12 14.26 2.81
C ASP A 484 -28.60 14.12 3.15
N LYS A 485 -29.16 12.91 3.01
CA LYS A 485 -30.57 12.71 3.33
C LYS A 485 -30.84 12.96 4.80
N HIS A 486 -29.93 12.53 5.67
CA HIS A 486 -30.00 12.83 7.10
C HIS A 486 -28.66 13.41 7.51
N PRO A 487 -28.55 14.75 7.61
CA PRO A 487 -27.24 15.38 7.82
C PRO A 487 -26.68 15.23 9.23
N GLU A 488 -27.47 14.82 10.21
CA GLU A 488 -26.99 14.76 11.59
C GLU A 488 -26.12 13.54 11.86
N LEU A 489 -25.93 12.64 10.89
CA LEU A 489 -25.22 11.40 11.15
C LEU A 489 -23.74 11.61 11.45
N LYS A 490 -23.14 12.64 10.87
CA LYS A 490 -21.72 12.92 11.09
C LYS A 490 -21.43 13.14 12.57
N ASP A 491 -22.18 14.06 13.20
CA ASP A 491 -21.96 14.37 14.61
C ASP A 491 -22.30 13.20 15.51
N VAL A 492 -23.37 12.44 15.19
CA VAL A 492 -23.76 11.34 16.08
C VAL A 492 -22.78 10.18 15.99
N LEU A 493 -22.13 9.99 14.84
CA LEU A 493 -21.12 8.95 14.75
C LEU A 493 -19.75 9.41 15.24
N ASN A 494 -19.50 10.72 15.30
CA ASN A 494 -18.26 11.19 15.89
C ASN A 494 -18.28 11.21 17.41
N LYS A 495 -19.35 10.74 18.04
CA LYS A 495 -19.34 10.56 19.49
C LYS A 495 -18.32 9.50 19.90
N LEU A 496 -18.07 8.52 19.02
CA LEU A 496 -17.13 7.44 19.29
C LEU A 496 -15.69 7.82 18.99
N ALA A 497 -15.45 9.00 18.44
CA ALA A 497 -14.11 9.41 18.04
C ALA A 497 -13.14 9.34 19.22
N ASN A 498 -12.13 8.47 19.09
CA ASN A 498 -11.06 8.34 20.07
C ASN A 498 -11.64 7.99 21.45
N GLN A 499 -12.61 7.08 21.48
CA GLN A 499 -13.22 6.64 22.72
C GLN A 499 -12.83 5.22 23.11
N ILE A 500 -12.31 4.43 22.16
CA ILE A 500 -11.97 3.03 22.40
C ILE A 500 -10.46 2.89 22.26
N SER A 501 -9.77 2.71 23.37
CA SER A 501 -8.36 2.39 23.31
C SER A 501 -8.18 0.94 22.88
N LEU A 502 -6.94 0.59 22.49
CA LEU A 502 -6.68 -0.78 22.06
C LEU A 502 -6.89 -1.76 23.21
N GLU A 503 -6.56 -1.36 24.43
CA GLU A 503 -6.70 -2.24 25.59
C GLU A 503 -8.17 -2.38 25.99
N GLU A 504 -8.94 -1.31 25.85
CA GLU A 504 -10.40 -1.37 26.04
C GLU A 504 -11.03 -2.35 25.05
N MET A 505 -10.79 -2.12 23.75
CA MET A 505 -11.27 -3.03 22.72
C MET A 505 -10.77 -4.44 22.95
N GLN A 506 -9.58 -4.59 23.52
CA GLN A 506 -9.03 -5.90 23.81
C GLN A 506 -9.88 -6.61 24.86
N LYS A 507 -10.22 -5.90 25.94
CA LYS A 507 -11.09 -6.47 26.97
C LYS A 507 -12.44 -6.88 26.40
N LEU A 508 -13.04 -6.04 25.55
CA LEU A 508 -14.37 -6.36 25.01
C LEU A 508 -14.31 -7.54 24.03
N ASN A 509 -13.34 -7.50 23.11
CA ASN A 509 -13.10 -8.60 22.19
C ASN A 509 -12.90 -9.91 22.95
N TYR A 510 -12.18 -9.85 24.06
CA TYR A 510 -11.98 -11.04 24.91
C TYR A 510 -13.30 -11.49 25.51
N LYS A 511 -14.12 -10.54 25.99
CA LYS A 511 -15.43 -10.91 26.53
C LYS A 511 -16.25 -11.69 25.50
N VAL A 512 -16.11 -11.33 24.22
CA VAL A 512 -16.85 -12.11 23.22
C VAL A 512 -16.14 -13.42 22.89
N ASP A 513 -14.80 -13.40 22.79
CA ASP A 513 -14.02 -14.55 22.36
C ASP A 513 -13.67 -15.51 23.50
N GLY A 514 -13.42 -15.00 24.70
CA GLY A 514 -13.13 -15.86 25.84
C GLY A 514 -14.38 -16.40 26.50
N GLU A 515 -15.28 -15.49 26.88
CA GLU A 515 -16.58 -15.85 27.43
C GLU A 515 -17.61 -15.92 26.30
N GLY A 516 -18.77 -16.49 26.62
CA GLY A 516 -19.77 -16.75 25.61
C GLY A 516 -20.76 -15.62 25.37
N GLN A 517 -20.40 -14.41 25.80
CA GLN A 517 -21.34 -13.30 25.74
C GLN A 517 -21.67 -12.93 24.30
N ASP A 518 -22.92 -12.50 24.09
CA ASP A 518 -23.38 -12.06 22.79
C ASP A 518 -22.72 -10.73 22.44
N PRO A 519 -22.43 -10.49 21.15
CA PRO A 519 -21.70 -9.27 20.78
C PRO A 519 -22.40 -7.97 21.15
N ALA A 520 -23.71 -7.88 20.99
CA ALA A 520 -24.40 -6.61 21.19
C ALA A 520 -24.39 -6.17 22.66
N LYS A 521 -24.43 -7.14 23.58
CA LYS A 521 -24.51 -6.83 25.00
C LYS A 521 -23.31 -5.98 25.44
N VAL A 522 -22.11 -6.38 25.02
CA VAL A 522 -20.90 -5.64 25.40
C VAL A 522 -20.94 -4.23 24.82
N ALA A 523 -21.50 -4.07 23.62
CA ALA A 523 -21.62 -2.76 23.02
C ALA A 523 -22.51 -1.84 23.86
N LYS A 524 -23.69 -2.34 24.23
CA LYS A 524 -24.58 -1.54 25.07
C LYS A 524 -23.91 -1.21 26.40
N GLU A 525 -23.22 -2.19 26.99
CA GLU A 525 -22.53 -1.96 28.25
C GLU A 525 -21.49 -0.84 28.13
N PHE A 526 -20.65 -0.91 27.10
CA PHE A 526 -19.60 0.10 26.92
C PHE A 526 -20.20 1.48 26.70
N LEU A 527 -21.25 1.57 25.87
CA LEU A 527 -21.84 2.87 25.58
C LEU A 527 -22.57 3.43 26.80
N LYS A 528 -23.11 2.57 27.66
CA LYS A 528 -23.61 3.04 28.96
C LYS A 528 -22.46 3.54 29.83
N GLU A 529 -21.32 2.85 29.79
CA GLU A 529 -20.21 3.19 30.68
C GLU A 529 -19.61 4.54 30.34
N LYS A 530 -19.40 4.82 29.06
CA LYS A 530 -18.80 6.09 28.68
C LYS A 530 -19.83 7.21 28.50
N GLY A 531 -21.09 6.97 28.88
CA GLY A 531 -22.12 7.99 28.82
C GLY A 531 -22.48 8.42 27.41
N LEU A 532 -22.74 7.45 26.53
CA LEU A 532 -23.11 7.73 25.16
C LEU A 532 -24.50 7.22 24.80
N ILE A 533 -24.81 5.95 25.09
CA ILE A 533 -26.12 5.43 24.75
C ILE A 533 -27.16 5.89 25.78
N LEU A 534 -26.73 6.03 27.04
CA LEU A 534 -27.59 6.55 28.10
C LEU A 534 -26.76 7.41 29.03
C01 QMR B . -6.52 -7.37 10.21
N02 QMR B . -6.64 -5.82 10.50
C03 QMR B . -8.12 -5.35 10.72
C04 QMR B . -9.16 -6.53 10.63
C05 QMR B . -8.70 -7.60 11.00
C06 QMR B . -7.90 -8.10 10.20
C07 QMR B . -8.60 -7.93 8.62
C08 QMR B . -8.56 -8.45 7.39
C09 QMR B . -9.42 -7.88 6.35
N10 QMR B . -9.39 -8.39 5.12
C11 QMR B . -10.18 -7.88 4.17
C12 QMR B . -11.06 -6.79 4.46
N13 QMR B . -11.09 -6.27 5.70
C14 QMR B . -10.31 -6.77 6.65
C15 QMR B . -10.36 -6.21 8.00
C16 QMR B . -9.58 -6.71 8.95
I IOD C . 12.93 -7.27 -18.68
I IOD D . 14.52 -11.31 5.79
I IOD E . -1.27 14.16 -10.35
I IOD F . -1.61 -7.03 -14.00
I IOD G . -14.82 14.17 9.84
I IOD H . -5.09 8.56 12.79
#